data_5GHE
#
_entry.id   5GHE
#
_cell.length_a   101.637
_cell.length_b   101.637
_cell.length_c   78.905
_cell.angle_alpha   90.00
_cell.angle_beta   90.00
_cell.angle_gamma   120.00
#
_symmetry.space_group_name_H-M   'P 65'
#
loop_
_entity.id
_entity.type
_entity.pdbx_description
1 polymer 'Pesticidal crystal protein Cry6Aa'
2 water water
#
_entity_poly.entity_id   1
_entity_poly.type   'polypeptide(L)'
_entity_poly.pdbx_seq_one_letter_code
;HHHHHHHGAAGTSLYKKAGENLYFQGSMIIDSKTTLPRHSLIHTIKLNSNKKYGPGDMTNGNQFIISKQEWATIGAYIQT
GLGLPVNEQQLRTHVNLSQDISIPSDFSQLYDVYCSDKTSAEWWNKNLYPLIIKSANDIASYGFKVAGDPSIKKDGYFKK
LQDELDNIVDNNSDDDAIAKAIKDFKARCGILIKEAKQYEEAAKNIVTSLDQFLHGDQKKLEGVINIQKRLKEVQTALNQ
AHGESSPAHKELLEKVKNLKTTLERTIKAEQDLEKKVEYSFLLGPLLGFVVYEILENTAVQHIKNQIDEIKKQLDSAQHD
LDRDVKIIGMLNSINTDIDNLYSQGQEAIKVFQKLQGIWATIGAQIENLRTTSLQEVQDSDDADEIQIELEDASDAWLVV
AQEARDFTLNAYSTNSRQNLPINVISDS
;
_entity_poly.pdbx_strand_id   A
#
# COMPACT_ATOMS: atom_id res chain seq x y z
N MET A 28 1.72 -9.69 3.90
CA MET A 28 2.55 -9.31 2.76
C MET A 28 4.03 -9.24 3.09
N ILE A 29 4.35 -9.09 4.38
CA ILE A 29 5.75 -8.97 4.79
C ILE A 29 6.04 -10.05 5.82
N ILE A 30 7.12 -10.79 5.60
CA ILE A 30 7.64 -11.75 6.56
C ILE A 30 8.69 -11.04 7.39
N ASP A 31 8.37 -10.76 8.65
CA ASP A 31 9.24 -9.96 9.50
C ASP A 31 10.61 -10.60 9.66
N SER A 32 11.63 -9.75 9.68
CA SER A 32 12.99 -10.19 9.98
C SER A 32 13.04 -10.86 11.35
N LYS A 33 13.85 -11.89 11.47
CA LYS A 33 14.08 -12.51 12.79
C LYS A 33 15.07 -11.72 13.62
N THR A 34 15.70 -10.70 13.05
CA THR A 34 16.65 -9.86 13.74
C THR A 34 16.17 -8.43 13.66
N THR A 35 16.43 -7.66 14.70
CA THR A 35 16.05 -6.26 14.69
C THR A 35 16.82 -5.54 13.60
N LEU A 36 16.12 -4.70 12.83
CA LEU A 36 16.67 -3.95 11.72
C LEU A 36 16.77 -2.48 12.09
N PRO A 37 17.71 -1.74 11.51
CA PRO A 37 17.84 -0.32 11.85
C PRO A 37 16.56 0.48 11.63
N ARG A 38 15.76 0.12 10.63
CA ARG A 38 14.53 0.88 10.41
C ARG A 38 13.53 0.68 11.54
N HIS A 39 13.71 -0.34 12.37
CA HIS A 39 12.78 -0.57 13.47
C HIS A 39 12.84 0.55 14.50
N SER A 40 13.98 1.23 14.62
CA SER A 40 14.11 2.32 15.59
C SER A 40 13.17 3.47 15.25
N LEU A 41 13.05 3.80 13.97
CA LEU A 41 12.18 4.88 13.55
C LEU A 41 10.73 4.55 13.85
N ILE A 42 10.32 3.32 13.53
CA ILE A 42 8.95 2.89 13.82
C ILE A 42 8.69 2.93 15.32
N HIS A 43 9.66 2.48 16.11
CA HIS A 43 9.54 2.54 17.56
C HIS A 43 9.34 3.97 18.04
N THR A 44 10.03 4.94 17.41
CA THR A 44 9.84 6.35 17.76
C THR A 44 8.39 6.80 17.56
N ILE A 45 7.81 6.45 16.42
CA ILE A 45 6.41 6.79 16.17
C ILE A 45 5.52 6.18 17.25
N LYS A 46 5.80 4.93 17.63
CA LYS A 46 5.03 4.29 18.70
C LYS A 46 5.20 5.03 20.02
N LEU A 47 6.43 5.40 20.36
CA LEU A 47 6.64 6.11 21.61
C LEU A 47 5.95 7.46 21.61
N ASN A 48 5.80 8.06 20.44
CA ASN A 48 5.12 9.35 20.28
C ASN A 48 3.60 9.23 20.17
N SER A 49 3.05 8.01 20.09
CA SER A 49 1.68 7.85 19.63
C SER A 49 0.64 8.30 20.64
N ASN A 50 1.03 8.58 21.89
CA ASN A 50 0.13 9.06 22.93
C ASN A 50 0.25 10.56 23.18
N LYS A 51 1.13 11.24 22.45
CA LYS A 51 1.32 12.67 22.67
C LYS A 51 0.13 13.46 22.15
N LYS A 52 -0.48 14.28 23.02
CA LYS A 52 -1.64 15.06 22.60
C LYS A 52 -1.26 15.97 21.44
N TYR A 53 -2.18 16.12 20.49
CA TYR A 53 -2.06 16.92 19.27
C TYR A 53 -1.10 16.29 18.27
N GLY A 54 -0.48 15.14 18.59
CA GLY A 54 0.43 14.47 17.67
C GLY A 54 -0.31 13.58 16.69
N PRO A 55 0.48 12.86 15.87
CA PRO A 55 -0.12 12.04 14.81
C PRO A 55 -0.63 10.68 15.27
N GLY A 56 -0.46 10.32 16.54
CA GLY A 56 -0.94 9.01 16.96
C GLY A 56 -0.13 7.85 16.37
N ASP A 57 -0.73 6.66 16.40
CA ASP A 57 0.01 5.44 16.08
C ASP A 57 -0.03 5.17 14.57
N MET A 58 0.75 5.95 13.83
CA MET A 58 0.82 5.76 12.37
C MET A 58 1.84 4.66 12.01
N THR A 59 1.60 3.48 12.57
CA THR A 59 2.39 2.30 12.26
C THR A 59 1.44 1.15 11.96
N ASN A 60 2.03 0.09 11.42
CA ASN A 60 1.30 -1.16 11.22
C ASN A 60 2.33 -2.26 11.41
N GLY A 61 2.42 -2.78 12.62
CA GLY A 61 3.53 -3.67 12.97
C GLY A 61 4.83 -2.90 12.96
N ASN A 62 5.83 -3.45 12.26
CA ASN A 62 7.10 -2.76 12.10
C ASN A 62 7.17 -1.94 10.81
N GLN A 63 6.02 -1.60 10.23
CA GLN A 63 5.93 -0.76 9.06
C GLN A 63 5.33 0.60 9.41
N PHE A 64 5.65 1.62 8.62
CA PHE A 64 4.86 2.84 8.64
C PHE A 64 3.44 2.51 8.20
N ILE A 65 2.48 3.32 8.62
CA ILE A 65 1.09 2.96 8.38
C ILE A 65 0.79 2.87 6.88
N ILE A 66 1.51 3.64 6.06
CA ILE A 66 1.47 3.49 4.60
C ILE A 66 2.83 2.89 4.19
N SER A 67 2.82 1.60 3.84
CA SER A 67 4.04 0.81 3.79
C SER A 67 4.60 0.76 2.37
N LYS A 68 5.83 1.26 2.23
CA LYS A 68 6.50 1.23 0.93
C LYS A 68 6.60 -0.20 0.39
N GLN A 69 7.12 -1.12 1.20
CA GLN A 69 7.35 -2.47 0.70
C GLN A 69 6.02 -3.17 0.38
N GLU A 70 5.02 -2.99 1.23
CA GLU A 70 3.73 -3.65 1.02
C GLU A 70 3.08 -3.22 -0.29
N TRP A 71 3.01 -1.90 -0.53
CA TRP A 71 2.34 -1.44 -1.75
C TRP A 71 3.21 -1.68 -2.97
N ALA A 72 4.54 -1.71 -2.81
CA ALA A 72 5.38 -2.06 -3.95
C ALA A 72 5.14 -3.51 -4.36
N THR A 73 4.98 -4.38 -3.38
CA THR A 73 4.78 -5.80 -3.67
C THR A 73 3.43 -6.05 -4.32
N ILE A 74 2.36 -5.46 -3.76
CA ILE A 74 1.03 -5.57 -4.36
C ILE A 74 1.03 -5.01 -5.78
N GLY A 75 1.75 -3.90 -5.99
CA GLY A 75 1.81 -3.32 -7.32
C GLY A 75 2.34 -4.29 -8.36
N ALA A 76 3.24 -5.19 -7.96
CA ALA A 76 3.74 -6.17 -8.93
C ALA A 76 2.66 -7.18 -9.34
N TYR A 77 1.88 -7.66 -8.36
CA TYR A 77 0.74 -8.52 -8.71
C TYR A 77 -0.21 -7.82 -9.67
N ILE A 78 -0.44 -6.52 -9.44
CA ILE A 78 -1.31 -5.73 -10.30
C ILE A 78 -0.72 -5.63 -11.69
N GLN A 79 0.58 -5.36 -11.79
CA GLN A 79 1.24 -5.27 -13.10
C GLN A 79 1.05 -6.55 -13.90
N THR A 80 1.17 -7.71 -13.24
CA THR A 80 0.89 -8.99 -13.90
C THR A 80 -0.56 -9.02 -14.40
N GLY A 81 -1.50 -8.60 -13.55
CA GLY A 81 -2.89 -8.55 -13.98
C GLY A 81 -3.12 -7.64 -15.17
N LEU A 82 -2.46 -6.47 -15.16
CA LEU A 82 -2.61 -5.52 -16.27
C LEU A 82 -2.17 -6.11 -17.61
N GLY A 83 -1.22 -7.04 -17.60
CA GLY A 83 -0.69 -7.60 -18.82
C GLY A 83 -1.30 -8.92 -19.26
N LEU A 84 -2.40 -9.35 -18.65
CA LEU A 84 -2.94 -10.68 -18.95
C LEU A 84 -3.49 -10.73 -20.37
N PRO A 85 -3.30 -11.86 -21.08
CA PRO A 85 -3.92 -12.01 -22.40
C PRO A 85 -5.39 -12.38 -22.28
N VAL A 86 -6.17 -11.92 -23.27
CA VAL A 86 -7.62 -12.09 -23.22
C VAL A 86 -8.16 -12.82 -24.45
N ASN A 87 -7.29 -13.35 -25.30
CA ASN A 87 -7.71 -14.19 -26.42
C ASN A 87 -6.54 -15.07 -26.86
N GLU A 88 -6.79 -15.95 -27.84
CA GLU A 88 -5.78 -16.94 -28.19
C GLU A 88 -4.54 -16.28 -28.80
N GLN A 89 -4.73 -15.28 -29.66
CA GLN A 89 -3.59 -14.63 -30.28
C GLN A 89 -2.69 -14.00 -29.22
N GLN A 90 -3.29 -13.35 -28.22
CA GLN A 90 -2.50 -12.73 -27.17
C GLN A 90 -1.85 -13.77 -26.29
N LEU A 91 -2.56 -14.86 -25.97
CA LEU A 91 -1.98 -15.92 -25.15
C LEU A 91 -0.76 -16.52 -25.82
N ARG A 92 -0.86 -16.81 -27.13
CA ARG A 92 0.27 -17.38 -27.87
C ARG A 92 1.50 -16.48 -27.77
N THR A 93 1.32 -15.18 -28.04
CA THR A 93 2.40 -14.21 -27.91
C THR A 93 2.90 -14.16 -26.47
N HIS A 94 1.97 -14.17 -25.51
CA HIS A 94 2.31 -13.94 -24.11
C HIS A 94 3.27 -14.99 -23.57
N VAL A 95 3.00 -16.27 -23.86
CA VAL A 95 3.82 -17.37 -23.35
C VAL A 95 4.82 -17.88 -24.39
N ASN A 96 4.93 -17.20 -25.54
CA ASN A 96 5.87 -17.56 -26.61
C ASN A 96 5.63 -18.98 -27.10
N LEU A 97 4.40 -19.23 -27.54
CA LEU A 97 4.01 -20.54 -28.01
C LEU A 97 4.21 -20.61 -29.52
N SER A 98 4.81 -21.71 -29.98
CA SER A 98 5.01 -21.90 -31.41
C SER A 98 3.68 -21.80 -32.17
N GLN A 99 3.73 -21.22 -33.36
CA GLN A 99 2.54 -21.15 -34.19
C GLN A 99 2.05 -22.54 -34.62
N ASP A 100 2.91 -23.56 -34.57
CA ASP A 100 2.55 -24.91 -34.97
C ASP A 100 1.75 -25.66 -33.93
N ILE A 101 1.57 -25.10 -32.73
CA ILE A 101 0.96 -25.79 -31.62
C ILE A 101 -0.52 -25.46 -31.56
N SER A 102 -1.36 -26.48 -31.51
CA SER A 102 -2.79 -26.24 -31.35
C SER A 102 -3.14 -26.11 -29.86
N ILE A 103 -4.17 -25.32 -29.59
CA ILE A 103 -4.68 -25.05 -28.24
C ILE A 103 -6.02 -25.75 -28.09
N PRO A 104 -6.13 -26.77 -27.25
CA PRO A 104 -7.43 -27.44 -27.05
C PRO A 104 -8.53 -26.46 -26.66
N SER A 105 -9.77 -26.83 -27.03
CA SER A 105 -10.89 -25.91 -26.86
C SER A 105 -11.14 -25.56 -25.40
N ASP A 106 -10.80 -26.44 -24.45
CA ASP A 106 -11.15 -26.09 -23.08
C ASP A 106 -10.21 -25.05 -22.47
N PHE A 107 -9.11 -24.70 -23.15
CA PHE A 107 -8.33 -23.55 -22.71
C PHE A 107 -9.07 -22.24 -22.90
N SER A 108 -10.13 -22.24 -23.73
CA SER A 108 -10.95 -21.04 -23.92
C SER A 108 -11.58 -20.58 -22.61
N GLN A 109 -11.70 -21.46 -21.61
CA GLN A 109 -12.11 -21.07 -20.27
C GLN A 109 -11.27 -19.93 -19.70
N LEU A 110 -10.03 -19.78 -20.15
CA LEU A 110 -9.14 -18.81 -19.55
C LEU A 110 -9.51 -17.38 -19.90
N TYR A 111 -10.06 -17.14 -21.09
CA TYR A 111 -10.07 -15.79 -21.63
C TYR A 111 -11.01 -14.88 -20.84
N ASP A 112 -12.22 -15.37 -20.50
CA ASP A 112 -13.15 -14.56 -19.72
C ASP A 112 -12.61 -14.25 -18.33
N VAL A 113 -11.94 -15.22 -17.71
CA VAL A 113 -11.45 -15.02 -16.35
C VAL A 113 -10.28 -14.06 -16.35
N TYR A 114 -9.37 -14.20 -17.32
CA TYR A 114 -8.25 -13.27 -17.43
C TYR A 114 -8.74 -11.86 -17.75
N CYS A 115 -9.73 -11.74 -18.64
CA CYS A 115 -10.34 -10.43 -18.90
C CYS A 115 -10.88 -9.81 -17.62
N SER A 116 -11.56 -10.62 -16.78
CA SER A 116 -12.08 -10.11 -15.51
C SER A 116 -10.95 -9.67 -14.57
N ASP A 117 -9.89 -10.48 -14.44
CA ASP A 117 -8.75 -10.13 -13.59
C ASP A 117 -8.05 -8.88 -14.11
N LYS A 118 -7.85 -8.79 -15.44
CA LYS A 118 -7.23 -7.61 -16.03
C LYS A 118 -8.08 -6.37 -15.77
N THR A 119 -9.40 -6.48 -15.92
CA THR A 119 -10.28 -5.36 -15.65
C THR A 119 -10.21 -4.92 -14.19
N SER A 120 -10.09 -5.89 -13.28
CA SER A 120 -9.92 -5.59 -11.86
C SER A 120 -8.61 -4.86 -11.60
N ALA A 121 -7.51 -5.34 -12.17
CA ALA A 121 -6.23 -4.66 -12.04
C ALA A 121 -6.29 -3.25 -12.61
N GLU A 122 -6.94 -3.06 -13.76
CA GLU A 122 -7.07 -1.71 -14.30
C GLU A 122 -7.87 -0.81 -13.37
N TRP A 123 -8.92 -1.36 -12.74
CA TRP A 123 -9.71 -0.57 -11.80
C TRP A 123 -8.88 -0.14 -10.59
N TRP A 124 -8.13 -1.09 -10.02
CA TRP A 124 -7.23 -0.77 -8.90
C TRP A 124 -6.23 0.30 -9.31
N ASN A 125 -5.64 0.15 -10.50
CA ASN A 125 -4.61 1.10 -10.93
C ASN A 125 -5.20 2.49 -11.14
N LYS A 126 -6.46 2.55 -11.57
CA LYS A 126 -7.09 3.84 -11.82
C LYS A 126 -7.67 4.45 -10.55
N ASN A 127 -8.37 3.65 -9.74
CA ASN A 127 -9.25 4.15 -8.69
C ASN A 127 -8.76 3.91 -7.28
N LEU A 128 -7.70 3.13 -7.09
CA LEU A 128 -7.28 2.81 -5.73
C LEU A 128 -5.88 3.28 -5.48
N TYR A 129 -4.91 2.85 -6.29
CA TYR A 129 -3.51 3.16 -6.00
C TYR A 129 -3.24 4.67 -5.96
N PRO A 130 -3.78 5.51 -6.85
CA PRO A 130 -3.58 6.95 -6.69
C PRO A 130 -4.05 7.50 -5.34
N LEU A 131 -5.10 6.90 -4.76
CA LEU A 131 -5.58 7.38 -3.46
C LEU A 131 -4.58 7.07 -2.35
N ILE A 132 -3.80 5.99 -2.48
CA ILE A 132 -2.81 5.67 -1.45
C ILE A 132 -1.74 6.74 -1.40
N ILE A 133 -1.25 7.17 -2.57
CA ILE A 133 -0.29 8.28 -2.66
C ILE A 133 -0.86 9.54 -2.04
N LYS A 134 -2.12 9.83 -2.37
CA LYS A 134 -2.77 11.04 -1.87
C LYS A 134 -2.90 10.99 -0.35
N SER A 135 -3.13 9.80 0.19
CA SER A 135 -3.24 9.61 1.63
C SER A 135 -1.92 9.89 2.33
N ALA A 136 -0.82 9.39 1.76
CA ALA A 136 0.49 9.75 2.29
C ALA A 136 0.73 11.25 2.21
N ASN A 137 0.35 11.87 1.08
CA ASN A 137 0.51 13.32 0.95
C ASN A 137 -0.33 14.08 1.97
N ASP A 138 -1.50 13.54 2.37
CA ASP A 138 -2.27 14.20 3.43
C ASP A 138 -1.52 14.20 4.76
N ILE A 139 -0.87 13.09 5.10
CA ILE A 139 -0.08 13.03 6.34
C ILE A 139 1.06 14.02 6.28
N ALA A 140 1.78 14.04 5.15
CA ALA A 140 2.85 14.99 4.97
C ALA A 140 2.34 16.43 5.03
N SER A 141 1.21 16.71 4.35
CA SER A 141 0.69 18.07 4.32
C SER A 141 0.38 18.56 5.72
N TYR A 142 -0.35 17.76 6.48
CA TYR A 142 -0.71 18.19 7.83
C TYR A 142 0.52 18.34 8.70
N GLY A 143 1.43 17.36 8.65
CA GLY A 143 2.58 17.40 9.52
C GLY A 143 3.47 18.59 9.24
N PHE A 144 3.74 18.86 7.97
CA PHE A 144 4.57 20.01 7.64
C PHE A 144 3.83 21.32 7.90
N LYS A 145 2.50 21.32 7.78
CA LYS A 145 1.77 22.55 8.09
C LYS A 145 1.84 22.89 9.58
N VAL A 146 1.62 21.91 10.46
CA VAL A 146 1.66 22.25 11.88
C VAL A 146 3.10 22.44 12.38
N ALA A 147 4.07 21.69 11.84
CA ALA A 147 5.43 21.78 12.35
C ALA A 147 6.23 22.87 11.66
N GLY A 148 5.82 23.27 10.47
CA GLY A 148 6.58 24.27 9.76
C GLY A 148 7.94 23.75 9.31
N ASP A 149 8.91 24.67 9.25
CA ASP A 149 10.28 24.40 8.81
C ASP A 149 11.21 25.44 9.43
N PRO A 150 11.83 25.15 10.57
CA PRO A 150 12.69 26.15 11.23
C PRO A 150 13.91 26.56 10.43
N SER A 151 14.47 25.65 9.61
CA SER A 151 15.60 26.03 8.75
C SER A 151 15.24 27.22 7.88
N ILE A 152 14.00 27.25 7.38
CA ILE A 152 13.49 28.36 6.58
C ILE A 152 13.05 29.54 7.44
N LYS A 153 13.09 29.41 8.77
CA LYS A 153 12.50 30.38 9.68
C LYS A 153 11.02 30.61 9.34
N LYS A 154 10.35 29.54 8.91
CA LYS A 154 8.92 29.57 8.56
C LYS A 154 8.16 28.90 9.69
N ASP A 155 7.45 29.69 10.49
CA ASP A 155 6.67 29.12 11.58
C ASP A 155 5.53 28.28 11.03
N GLY A 156 5.33 27.10 11.62
CA GLY A 156 4.15 26.30 11.35
C GLY A 156 2.98 26.76 12.20
N TYR A 157 1.83 26.10 12.00
CA TYR A 157 0.62 26.50 12.73
C TYR A 157 0.79 26.36 14.24
N PHE A 158 1.49 25.31 14.69
CA PHE A 158 1.59 25.10 16.13
C PHE A 158 2.40 26.20 16.79
N LYS A 159 3.47 26.68 16.13
CA LYS A 159 4.21 27.82 16.65
C LYS A 159 3.34 29.07 16.68
N LYS A 160 2.49 29.25 15.67
CA LYS A 160 1.61 30.41 15.65
C LYS A 160 0.54 30.32 16.74
N LEU A 161 0.02 29.11 17.01
CA LEU A 161 -0.86 28.92 18.15
C LEU A 161 -0.14 29.24 19.46
N GLN A 162 1.12 28.80 19.58
CA GLN A 162 1.90 29.13 20.76
C GLN A 162 2.00 30.64 20.95
N ASP A 163 2.30 31.38 19.87
CA ASP A 163 2.43 32.83 19.99
C ASP A 163 1.10 33.47 20.40
N GLU A 164 -0.02 32.97 19.89
CA GLU A 164 -1.30 33.54 20.30
C GLU A 164 -1.56 33.31 21.79
N LEU A 165 -1.21 32.12 22.29
CA LEU A 165 -1.36 31.88 23.73
C LEU A 165 -0.54 32.88 24.54
N ASP A 166 0.67 33.22 24.07
CA ASP A 166 1.44 34.28 24.71
C ASP A 166 0.65 35.58 24.74
N ASN A 167 -0.04 35.91 23.65
CA ASN A 167 -0.86 37.12 23.63
C ASN A 167 -2.02 37.06 24.62
N ILE A 168 -2.62 35.88 24.80
CA ILE A 168 -3.76 35.73 25.71
C ILE A 168 -3.35 36.03 27.14
N VAL A 169 -2.14 35.61 27.54
CA VAL A 169 -1.71 35.65 28.93
C VAL A 169 -0.73 36.77 29.21
N ASP A 170 -0.30 37.52 28.18
CA ASP A 170 0.59 38.65 28.38
C ASP A 170 -0.12 39.73 29.21
N ASN A 171 0.48 40.11 30.34
CA ASN A 171 -0.14 41.11 31.18
C ASN A 171 -0.15 42.49 30.54
N ASN A 172 0.62 42.70 29.47
CA ASN A 172 0.64 43.95 28.74
C ASN A 172 -0.36 43.99 27.59
N SER A 173 -1.31 43.05 27.54
CA SER A 173 -2.32 43.02 26.49
C SER A 173 -3.60 43.70 26.98
N ASP A 174 -4.18 44.56 26.14
CA ASP A 174 -5.48 45.13 26.47
C ASP A 174 -6.59 44.17 26.06
N ASP A 175 -7.84 44.53 26.39
CA ASP A 175 -8.93 43.58 26.22
C ASP A 175 -9.22 43.30 24.75
N ASP A 176 -9.10 44.30 23.87
CA ASP A 176 -9.26 44.04 22.44
C ASP A 176 -8.20 43.08 21.93
N ALA A 177 -6.96 43.22 22.40
CA ALA A 177 -5.89 42.35 21.95
C ALA A 177 -6.12 40.90 22.39
N ILE A 178 -6.62 40.70 23.61
CA ILE A 178 -6.89 39.35 24.10
C ILE A 178 -8.03 38.73 23.29
N ALA A 179 -9.12 39.47 23.12
CA ALA A 179 -10.24 38.97 22.32
C ALA A 179 -9.80 38.64 20.90
N LYS A 180 -8.93 39.46 20.31
CA LYS A 180 -8.45 39.21 18.95
C LYS A 180 -7.60 37.94 18.90
N ALA A 181 -6.76 37.70 19.90
CA ALA A 181 -5.93 36.50 19.89
C ALA A 181 -6.77 35.25 20.11
N ILE A 182 -7.80 35.33 20.95
CA ILE A 182 -8.72 34.20 21.13
C ILE A 182 -9.40 33.87 19.81
N LYS A 183 -9.89 34.89 19.11
CA LYS A 183 -10.56 34.66 17.85
C LYS A 183 -9.61 34.06 16.81
N ASP A 184 -8.37 34.57 16.76
CA ASP A 184 -7.38 34.06 15.80
C ASP A 184 -6.99 32.61 16.09
N PHE A 185 -6.78 32.30 17.36
CA PHE A 185 -6.47 30.94 17.77
C PHE A 185 -7.59 29.98 17.37
N LYS A 186 -8.83 30.38 17.63
CA LYS A 186 -9.97 29.53 17.29
C LYS A 186 -10.08 29.32 15.78
N ALA A 187 -9.83 30.38 15.01
CA ALA A 187 -9.94 30.24 13.57
C ALA A 187 -8.86 29.33 13.01
N ARG A 188 -7.63 29.45 13.52
CA ARG A 188 -6.54 28.61 13.02
C ARG A 188 -6.79 27.14 13.37
N CYS A 189 -7.20 26.85 14.60
CA CYS A 189 -7.64 25.50 14.94
C CYS A 189 -8.76 25.04 14.01
N GLY A 190 -9.69 25.94 13.67
CA GLY A 190 -10.79 25.57 12.79
C GLY A 190 -10.32 25.04 11.46
N ILE A 191 -9.25 25.63 10.91
CA ILE A 191 -8.70 25.15 9.65
C ILE A 191 -8.12 23.76 9.81
N LEU A 192 -7.35 23.53 10.88
CA LEU A 192 -6.81 22.20 11.14
C LEU A 192 -7.92 21.17 11.28
N ILE A 193 -9.01 21.54 11.97
CA ILE A 193 -10.13 20.62 12.13
C ILE A 193 -10.73 20.29 10.77
N LYS A 194 -10.92 21.32 9.94
CA LYS A 194 -11.50 21.12 8.61
C LYS A 194 -10.62 20.20 7.76
N GLU A 195 -9.32 20.41 7.80
CA GLU A 195 -8.44 19.57 7.00
C GLU A 195 -8.35 18.16 7.55
N ALA A 196 -8.29 18.00 8.87
CA ALA A 196 -8.31 16.63 9.41
C ALA A 196 -9.59 15.89 9.01
N LYS A 197 -10.72 16.61 8.96
CA LYS A 197 -11.95 15.98 8.52
C LYS A 197 -11.85 15.51 7.07
N GLN A 198 -11.29 16.36 6.20
CA GLN A 198 -11.06 15.95 4.82
C GLN A 198 -10.21 14.69 4.73
N TYR A 199 -9.15 14.60 5.54
CA TYR A 199 -8.26 13.45 5.46
C TYR A 199 -8.92 12.20 6.05
N GLU A 200 -9.73 12.38 7.09
CA GLU A 200 -10.56 11.30 7.63
C GLU A 200 -11.49 10.76 6.56
N GLU A 201 -12.21 11.65 5.86
CA GLU A 201 -13.09 11.19 4.80
C GLU A 201 -12.32 10.54 3.66
N ALA A 202 -11.11 11.03 3.36
CA ALA A 202 -10.28 10.41 2.32
C ALA A 202 -9.85 9.00 2.71
N ALA A 203 -9.48 8.79 3.98
CA ALA A 203 -9.14 7.44 4.41
C ALA A 203 -10.35 6.53 4.33
N LYS A 204 -11.51 7.04 4.72
CA LYS A 204 -12.73 6.24 4.63
C LYS A 204 -13.02 5.88 3.17
N ASN A 205 -12.75 6.81 2.27
CA ASN A 205 -12.95 6.54 0.84
C ASN A 205 -12.05 5.41 0.35
N ILE A 206 -10.82 5.30 0.89
CA ILE A 206 -9.96 4.18 0.58
C ILE A 206 -10.57 2.87 1.08
N VAL A 207 -11.12 2.88 2.31
CA VAL A 207 -11.81 1.70 2.82
C VAL A 207 -12.94 1.29 1.89
N THR A 208 -13.78 2.26 1.49
CA THR A 208 -14.88 1.97 0.58
C THR A 208 -14.39 1.42 -0.75
N SER A 209 -13.32 2.02 -1.30
CA SER A 209 -12.79 1.57 -2.59
C SER A 209 -12.18 0.18 -2.49
N LEU A 210 -11.46 -0.13 -1.40
CA LEU A 210 -10.95 -1.48 -1.20
C LEU A 210 -12.09 -2.48 -1.11
N ASP A 211 -13.16 -2.11 -0.40
CA ASP A 211 -14.31 -3.01 -0.29
C ASP A 211 -14.91 -3.31 -1.66
N GLN A 212 -15.02 -2.29 -2.53
CA GLN A 212 -15.52 -2.53 -3.88
C GLN A 212 -14.56 -3.37 -4.69
N PHE A 213 -13.25 -3.14 -4.53
CA PHE A 213 -12.23 -3.95 -5.20
C PHE A 213 -12.39 -5.42 -4.86
N LEU A 214 -12.61 -5.72 -3.58
CA LEU A 214 -12.71 -7.10 -3.14
C LEU A 214 -14.06 -7.71 -3.48
N HIS A 215 -15.16 -6.96 -3.28
CA HIS A 215 -16.49 -7.56 -3.28
C HIS A 215 -17.41 -7.02 -4.36
N GLY A 216 -16.90 -6.21 -5.27
CA GLY A 216 -17.71 -5.69 -6.35
C GLY A 216 -18.47 -4.43 -5.94
N ASP A 217 -18.86 -3.64 -6.94
CA ASP A 217 -19.67 -2.46 -6.72
C ASP A 217 -21.16 -2.74 -6.88
N GLN A 218 -21.55 -4.01 -7.09
CA GLN A 218 -22.93 -4.38 -7.36
C GLN A 218 -23.50 -3.60 -8.55
N LYS A 219 -22.60 -3.11 -9.41
CA LYS A 219 -22.99 -2.52 -10.69
C LYS A 219 -22.29 -3.32 -11.78
N LYS A 220 -21.20 -2.79 -12.34
CA LYS A 220 -20.47 -3.44 -13.41
C LYS A 220 -19.13 -4.03 -12.99
N LEU A 221 -18.62 -3.71 -11.80
CA LEU A 221 -17.31 -4.22 -11.39
C LEU A 221 -17.45 -5.54 -10.63
N GLU A 222 -16.72 -6.55 -11.10
CA GLU A 222 -16.62 -7.83 -10.44
C GLU A 222 -15.50 -7.77 -9.42
N GLY A 223 -15.77 -8.25 -8.21
CA GLY A 223 -14.78 -8.15 -7.15
C GLY A 223 -13.75 -9.26 -7.21
N VAL A 224 -12.63 -9.01 -6.54
CA VAL A 224 -11.56 -10.00 -6.42
C VAL A 224 -12.09 -11.33 -5.87
N ILE A 225 -13.07 -11.27 -4.96
CA ILE A 225 -13.57 -12.50 -4.35
C ILE A 225 -14.18 -13.41 -5.42
N ASN A 226 -14.90 -12.82 -6.38
CA ASN A 226 -15.51 -13.66 -7.41
C ASN A 226 -14.48 -14.08 -8.45
N ILE A 227 -13.54 -13.19 -8.77
CA ILE A 227 -12.46 -13.55 -9.69
C ILE A 227 -11.64 -14.71 -9.14
N GLN A 228 -11.30 -14.63 -7.85
CA GLN A 228 -10.58 -15.72 -7.20
C GLN A 228 -11.33 -17.04 -7.33
N LYS A 229 -12.64 -17.02 -7.11
CA LYS A 229 -13.42 -18.24 -7.19
C LYS A 229 -13.37 -18.82 -8.60
N ARG A 230 -13.45 -17.96 -9.61
CA ARG A 230 -13.45 -18.46 -11.00
C ARG A 230 -12.07 -18.92 -11.42
N LEU A 231 -11.03 -18.19 -11.01
CA LEU A 231 -9.67 -18.63 -11.30
C LEU A 231 -9.39 -20.00 -10.70
N LYS A 232 -9.87 -20.24 -9.48
CA LYS A 232 -9.71 -21.55 -8.86
C LYS A 232 -10.45 -22.63 -9.62
N GLU A 233 -11.65 -22.33 -10.10
CA GLU A 233 -12.41 -23.33 -10.85
C GLU A 233 -11.72 -23.69 -12.16
N VAL A 234 -11.20 -22.69 -12.87
CA VAL A 234 -10.49 -22.96 -14.12
C VAL A 234 -9.19 -23.69 -13.84
N GLN A 235 -8.50 -23.33 -12.76
CA GLN A 235 -7.30 -24.03 -12.35
C GLN A 235 -7.57 -25.51 -12.12
N THR A 236 -8.63 -25.84 -11.37
CA THR A 236 -8.95 -27.24 -11.13
C THR A 236 -9.24 -27.95 -12.45
N ALA A 237 -10.02 -27.31 -13.32
CA ALA A 237 -10.44 -27.93 -14.57
C ALA A 237 -9.25 -28.21 -15.48
N LEU A 238 -8.35 -27.24 -15.66
CA LEU A 238 -7.25 -27.42 -16.59
C LEU A 238 -6.14 -28.28 -16.00
N ASN A 239 -5.92 -28.23 -14.69
CA ASN A 239 -4.94 -29.14 -14.11
C ASN A 239 -5.39 -30.59 -14.26
N GLN A 240 -6.70 -30.85 -14.06
CA GLN A 240 -7.20 -32.22 -14.21
C GLN A 240 -7.08 -32.68 -15.65
N ALA A 241 -7.42 -31.82 -16.61
CA ALA A 241 -7.52 -32.25 -18.00
C ALA A 241 -6.17 -32.24 -18.71
N HIS A 242 -5.27 -31.36 -18.31
CA HIS A 242 -4.02 -31.17 -19.03
C HIS A 242 -2.80 -31.07 -18.14
N GLY A 243 -2.97 -30.88 -16.83
CA GLY A 243 -1.83 -30.74 -15.94
C GLY A 243 -1.24 -32.05 -15.48
N GLU A 244 -1.92 -33.17 -15.77
CA GLU A 244 -1.50 -34.48 -15.30
C GLU A 244 -1.39 -35.47 -16.46
N SER A 245 -1.11 -34.96 -17.66
CA SER A 245 -1.14 -35.77 -18.88
C SER A 245 0.05 -36.70 -19.02
N SER A 246 1.11 -36.52 -18.23
CA SER A 246 2.29 -37.35 -18.30
C SER A 246 3.10 -37.13 -17.03
N PRO A 247 4.09 -37.99 -16.73
CA PRO A 247 4.97 -37.71 -15.58
C PRO A 247 5.70 -36.37 -15.72
N ALA A 248 6.13 -36.01 -16.93
CA ALA A 248 6.81 -34.73 -17.12
C ALA A 248 5.88 -33.54 -16.82
N HIS A 249 4.60 -33.64 -17.18
CA HIS A 249 3.65 -32.58 -16.85
C HIS A 249 3.63 -32.33 -15.35
N LYS A 250 3.42 -33.38 -14.56
CA LYS A 250 3.37 -33.22 -13.10
C LYS A 250 4.69 -32.69 -12.57
N GLU A 251 5.81 -33.22 -13.04
CA GLU A 251 7.10 -32.83 -12.49
C GLU A 251 7.39 -31.36 -12.75
N LEU A 252 7.17 -30.91 -14.00
CA LEU A 252 7.51 -29.53 -14.34
C LEU A 252 6.55 -28.54 -13.69
N LEU A 253 5.25 -28.84 -13.68
CA LEU A 253 4.32 -27.94 -13.02
C LEU A 253 4.59 -27.87 -11.51
N GLU A 254 5.08 -28.96 -10.92
CA GLU A 254 5.49 -28.92 -9.53
C GLU A 254 6.75 -28.06 -9.34
N LYS A 255 7.70 -28.15 -10.27
CA LYS A 255 8.89 -27.31 -10.19
C LYS A 255 8.50 -25.85 -10.22
N VAL A 256 7.59 -25.47 -11.12
CA VAL A 256 7.15 -24.09 -11.24
C VAL A 256 6.44 -23.65 -9.97
N LYS A 257 5.56 -24.49 -9.42
CA LYS A 257 4.93 -24.18 -8.13
C LYS A 257 5.97 -23.91 -7.05
N ASN A 258 7.02 -24.73 -7.01
CA ASN A 258 8.04 -24.58 -5.97
C ASN A 258 8.82 -23.30 -6.15
N LEU A 259 9.11 -22.93 -7.41
CA LEU A 259 9.80 -21.66 -7.65
C LEU A 259 8.93 -20.48 -7.24
N LYS A 260 7.62 -20.54 -7.54
CA LYS A 260 6.72 -19.47 -7.13
C LYS A 260 6.68 -19.35 -5.61
N THR A 261 6.59 -20.48 -4.92
CA THR A 261 6.69 -20.47 -3.45
C THR A 261 7.98 -19.80 -2.99
N THR A 262 9.11 -20.21 -3.55
CA THR A 262 10.38 -19.61 -3.14
C THR A 262 10.44 -18.14 -3.50
N LEU A 263 9.93 -17.78 -4.67
CA LEU A 263 9.90 -16.38 -5.06
C LEU A 263 9.08 -15.56 -4.08
N GLU A 264 7.91 -16.08 -3.68
CA GLU A 264 7.04 -15.37 -2.75
C GLU A 264 7.73 -15.14 -1.42
N ARG A 265 8.43 -16.15 -0.92
CA ARG A 265 9.15 -15.98 0.35
C ARG A 265 10.25 -14.94 0.23
N THR A 266 10.95 -14.94 -0.91
CA THR A 266 12.07 -14.03 -1.09
C THR A 266 11.59 -12.59 -1.19
N ILE A 267 10.52 -12.38 -1.97
CA ILE A 267 9.96 -11.07 -2.25
C ILE A 267 9.36 -10.44 -1.02
N LYS A 268 8.80 -11.24 -0.12
CA LYS A 268 8.10 -10.71 1.04
C LYS A 268 9.00 -10.57 2.26
N ALA A 269 10.22 -11.07 2.20
CA ALA A 269 11.15 -10.87 3.31
C ALA A 269 11.28 -9.38 3.60
N GLU A 270 11.12 -9.01 4.88
CA GLU A 270 11.20 -7.62 5.26
C GLU A 270 12.55 -7.04 4.84
N GLN A 271 12.52 -5.94 4.11
CA GLN A 271 13.76 -5.29 3.71
C GLN A 271 13.45 -3.84 3.39
N ASP A 272 14.48 -3.01 3.38
CA ASP A 272 14.27 -1.61 3.05
C ASP A 272 14.69 -1.39 1.59
N LEU A 273 13.73 -1.01 0.77
CA LEU A 273 13.96 -0.73 -0.64
C LEU A 273 14.65 0.62 -0.76
N GLU A 274 15.82 0.63 -1.36
CA GLU A 274 16.58 1.86 -1.48
C GLU A 274 16.26 2.66 -2.74
N LYS A 275 15.68 2.03 -3.74
CA LYS A 275 15.46 2.68 -5.03
C LYS A 275 13.98 3.00 -5.21
N LYS A 276 13.73 3.94 -6.11
CA LYS A 276 12.34 4.22 -6.48
C LYS A 276 11.73 2.97 -7.11
N VAL A 277 10.47 2.70 -6.78
CA VAL A 277 9.87 1.42 -7.16
C VAL A 277 9.70 1.34 -8.67
N GLU A 278 10.21 0.25 -9.27
CA GLU A 278 9.98 -0.07 -10.66
C GLU A 278 9.66 -1.56 -10.74
N TYR A 279 9.23 -2.01 -11.93
CA TYR A 279 8.80 -3.39 -12.12
C TYR A 279 9.50 -4.01 -13.32
N SER A 280 9.77 -5.30 -13.20
CA SER A 280 10.43 -6.09 -14.23
C SER A 280 9.68 -7.38 -14.47
N PHE A 281 9.54 -7.75 -15.75
CA PHE A 281 8.95 -9.01 -16.17
C PHE A 281 10.02 -10.02 -16.57
N LEU A 282 11.24 -9.85 -16.06
CA LEU A 282 12.36 -10.69 -16.51
C LEU A 282 12.13 -12.18 -16.17
N LEU A 283 11.37 -12.47 -15.12
CA LEU A 283 11.10 -13.85 -14.77
C LEU A 283 10.08 -14.50 -15.70
N GLY A 284 9.28 -13.69 -16.39
CA GLY A 284 8.38 -14.21 -17.38
C GLY A 284 7.06 -14.66 -16.80
N PRO A 285 6.16 -15.14 -17.67
CA PRO A 285 4.78 -15.39 -17.24
C PRO A 285 4.61 -16.62 -16.37
N LEU A 286 5.59 -17.52 -16.32
CA LEU A 286 5.50 -18.61 -15.36
C LEU A 286 5.47 -18.10 -13.93
N LEU A 287 6.04 -16.93 -13.65
CA LEU A 287 6.11 -16.40 -12.30
C LEU A 287 5.42 -15.06 -12.10
N GLY A 288 5.64 -14.10 -12.99
CA GLY A 288 5.00 -12.79 -12.90
C GLY A 288 6.01 -11.67 -12.67
N PHE A 289 5.50 -10.45 -12.66
CA PHE A 289 6.32 -9.27 -12.40
C PHE A 289 6.91 -9.31 -10.99
N VAL A 290 8.09 -8.70 -10.83
CA VAL A 290 8.64 -8.43 -9.50
C VAL A 290 9.13 -6.99 -9.45
N VAL A 291 9.24 -6.47 -8.22
CA VAL A 291 9.92 -5.21 -8.00
C VAL A 291 11.34 -5.29 -8.52
N TYR A 292 11.71 -4.32 -9.37
CA TYR A 292 12.99 -4.38 -10.07
C TYR A 292 14.16 -4.49 -9.11
N GLU A 293 14.14 -3.70 -8.03
CA GLU A 293 15.22 -3.77 -7.05
C GLU A 293 15.45 -5.18 -6.54
N ILE A 294 14.41 -6.01 -6.49
CA ILE A 294 14.57 -7.38 -6.02
C ILE A 294 15.35 -8.26 -6.98
N LEU A 295 15.57 -7.83 -8.22
CA LEU A 295 16.37 -8.64 -9.14
C LEU A 295 17.84 -8.69 -8.75
N GLU A 296 18.32 -7.69 -8.00
CA GLU A 296 19.69 -7.75 -7.50
C GLU A 296 19.88 -8.92 -6.55
N ASN A 297 18.79 -9.35 -5.90
CA ASN A 297 18.84 -10.40 -4.89
C ASN A 297 19.34 -11.71 -5.49
N THR A 298 20.31 -12.32 -4.81
CA THR A 298 20.92 -13.55 -5.30
C THR A 298 19.89 -14.66 -5.47
N ALA A 299 18.96 -14.79 -4.53
CA ALA A 299 17.98 -15.87 -4.62
C ALA A 299 17.07 -15.69 -5.84
N VAL A 300 16.75 -14.44 -6.19
CA VAL A 300 15.95 -14.20 -7.38
C VAL A 300 16.73 -14.56 -8.63
N GLN A 301 18.03 -14.23 -8.65
CA GLN A 301 18.85 -14.60 -9.79
C GLN A 301 18.91 -16.12 -9.94
N HIS A 302 18.91 -16.85 -8.82
CA HIS A 302 18.85 -18.31 -8.88
C HIS A 302 17.52 -18.79 -9.46
N ILE A 303 16.41 -18.16 -9.07
CA ILE A 303 15.12 -18.53 -9.62
C ILE A 303 15.10 -18.28 -11.13
N LYS A 304 15.60 -17.11 -11.55
CA LYS A 304 15.68 -16.79 -12.97
C LYS A 304 16.41 -17.89 -13.74
N ASN A 305 17.56 -18.33 -13.22
CA ASN A 305 18.33 -19.39 -13.88
C ASN A 305 17.52 -20.67 -13.96
N GLN A 306 16.76 -20.99 -12.92
CA GLN A 306 15.97 -22.22 -12.93
C GLN A 306 14.81 -22.14 -13.91
N ILE A 307 14.23 -20.95 -14.06
CA ILE A 307 13.18 -20.76 -15.06
C ILE A 307 13.75 -20.97 -16.46
N ASP A 308 14.94 -20.42 -16.73
CA ASP A 308 15.60 -20.64 -18.01
C ASP A 308 15.81 -22.11 -18.30
N GLU A 309 16.11 -22.92 -17.28
CA GLU A 309 16.28 -24.35 -17.50
C GLU A 309 14.96 -25.03 -17.84
N ILE A 310 13.88 -24.62 -17.17
CA ILE A 310 12.57 -25.14 -17.49
C ILE A 310 12.18 -24.77 -18.92
N LYS A 311 12.43 -23.51 -19.31
CA LYS A 311 12.19 -23.10 -20.69
C LYS A 311 12.93 -23.99 -21.68
N LYS A 312 14.23 -24.20 -21.44
CA LYS A 312 15.02 -25.06 -22.33
C LYS A 312 14.45 -26.48 -22.34
N GLN A 313 13.95 -26.95 -21.20
CA GLN A 313 13.30 -28.25 -21.14
C GLN A 313 12.01 -28.28 -21.96
N LEU A 314 11.29 -27.15 -22.04
CA LEU A 314 10.06 -27.10 -22.81
C LEU A 314 10.31 -26.90 -24.31
N ASP A 315 11.53 -26.53 -24.71
CA ASP A 315 11.83 -26.33 -26.12
C ASP A 315 12.40 -27.58 -26.79
N SER A 316 12.85 -28.55 -26.00
CA SER A 316 12.71 -29.94 -26.43
C SER A 316 11.29 -30.32 -26.05
N ALA A 317 10.99 -31.60 -25.91
CA ALA A 317 9.68 -32.05 -25.43
C ALA A 317 8.53 -31.72 -26.39
N GLN A 318 7.69 -32.73 -26.63
CA GLN A 318 6.46 -32.68 -27.42
C GLN A 318 5.67 -31.39 -27.25
N HIS A 319 4.86 -31.05 -28.27
CA HIS A 319 4.16 -29.76 -28.27
C HIS A 319 3.22 -29.61 -27.09
N ASP A 320 2.59 -30.70 -26.65
CA ASP A 320 1.59 -30.54 -25.61
C ASP A 320 2.23 -30.26 -24.24
N LEU A 321 3.39 -30.85 -23.95
CA LEU A 321 4.09 -30.51 -22.71
C LEU A 321 4.50 -29.04 -22.70
N ASP A 322 5.13 -28.60 -23.79
CA ASP A 322 5.47 -27.20 -24.01
C ASP A 322 4.27 -26.30 -23.73
N ARG A 323 3.15 -26.60 -24.38
CA ARG A 323 1.95 -25.77 -24.26
C ARG A 323 1.38 -25.84 -22.85
N ASP A 324 1.23 -27.05 -22.32
CA ASP A 324 0.51 -27.22 -21.06
C ASP A 324 1.26 -26.59 -19.90
N VAL A 325 2.59 -26.77 -19.86
CA VAL A 325 3.33 -26.23 -18.72
C VAL A 325 3.33 -24.69 -18.77
N LYS A 326 3.53 -24.11 -19.96
CA LYS A 326 3.53 -22.65 -20.07
C LYS A 326 2.19 -22.06 -19.63
N ILE A 327 1.08 -22.62 -20.12
CA ILE A 327 -0.23 -22.02 -19.86
C ILE A 327 -0.71 -22.35 -18.45
N ILE A 328 -0.57 -23.61 -18.04
CA ILE A 328 -1.06 -23.97 -16.69
C ILE A 328 -0.08 -23.52 -15.61
N GLY A 329 1.22 -23.54 -15.88
CA GLY A 329 2.15 -22.94 -14.93
C GLY A 329 1.81 -21.49 -14.64
N MET A 330 1.60 -20.71 -15.68
CA MET A 330 1.18 -19.31 -15.50
C MET A 330 -0.14 -19.22 -14.74
N LEU A 331 -1.12 -20.05 -15.11
CA LEU A 331 -2.41 -20.02 -14.43
C LEU A 331 -2.24 -20.31 -12.94
N ASN A 332 -1.39 -21.26 -12.59
CA ASN A 332 -1.15 -21.56 -11.17
C ASN A 332 -0.54 -20.35 -10.45
N SER A 333 0.42 -19.67 -11.09
CA SER A 333 0.99 -18.48 -10.47
C SER A 333 -0.01 -17.33 -10.37
N ILE A 334 -0.91 -17.18 -11.34
CA ILE A 334 -1.94 -16.14 -11.26
C ILE A 334 -2.87 -16.41 -10.08
N ASN A 335 -3.18 -17.68 -9.83
CA ASN A 335 -4.00 -18.03 -8.66
C ASN A 335 -3.27 -17.71 -7.36
N THR A 336 -1.96 -17.96 -7.30
CA THR A 336 -1.21 -17.49 -6.13
C THR A 336 -1.31 -15.98 -5.99
N ASP A 337 -1.23 -15.24 -7.10
CA ASP A 337 -1.30 -13.78 -7.06
C ASP A 337 -2.64 -13.30 -6.51
N ILE A 338 -3.74 -13.86 -7.01
CA ILE A 338 -5.05 -13.37 -6.59
C ILE A 338 -5.30 -13.68 -5.13
N ASP A 339 -4.77 -14.80 -4.64
CA ASP A 339 -4.89 -15.10 -3.21
C ASP A 339 -4.26 -13.97 -2.38
N ASN A 340 -3.10 -13.48 -2.82
CA ASN A 340 -2.45 -12.36 -2.15
C ASN A 340 -3.27 -11.08 -2.25
N LEU A 341 -3.82 -10.79 -3.44
CA LEU A 341 -4.62 -9.58 -3.62
C LEU A 341 -5.82 -9.58 -2.68
N TYR A 342 -6.48 -10.73 -2.52
CA TYR A 342 -7.62 -10.79 -1.61
C TYR A 342 -7.17 -10.58 -0.16
N SER A 343 -6.16 -11.33 0.28
CA SER A 343 -5.73 -11.25 1.67
C SER A 343 -5.22 -9.85 2.03
N GLN A 344 -4.34 -9.30 1.18
CA GLN A 344 -3.80 -7.96 1.45
C GLN A 344 -4.90 -6.91 1.44
N GLY A 345 -5.88 -7.06 0.56
CA GLY A 345 -6.98 -6.11 0.54
C GLY A 345 -7.74 -6.08 1.84
N GLN A 346 -8.01 -7.24 2.42
CA GLN A 346 -8.68 -7.28 3.71
C GLN A 346 -7.84 -6.63 4.79
N GLU A 347 -6.53 -6.89 4.79
CA GLU A 347 -5.66 -6.25 5.76
C GLU A 347 -5.57 -4.75 5.52
N ALA A 348 -5.50 -4.34 4.25
CA ALA A 348 -5.45 -2.91 3.94
C ALA A 348 -6.70 -2.17 4.43
N ILE A 349 -7.88 -2.80 4.35
CA ILE A 349 -9.09 -2.19 4.91
C ILE A 349 -8.87 -1.88 6.39
N LYS A 350 -8.32 -2.84 7.14
CA LYS A 350 -8.11 -2.62 8.57
C LYS A 350 -7.15 -1.47 8.80
N VAL A 351 -6.10 -1.36 7.98
CA VAL A 351 -5.10 -0.32 8.17
C VAL A 351 -5.68 1.06 7.87
N PHE A 352 -6.44 1.18 6.79
CA PHE A 352 -6.97 2.49 6.49
C PHE A 352 -8.14 2.87 7.37
N GLN A 353 -8.84 1.88 7.94
CA GLN A 353 -9.82 2.21 8.96
C GLN A 353 -9.13 2.70 10.24
N LYS A 354 -7.97 2.14 10.58
CA LYS A 354 -7.20 2.70 11.68
C LYS A 354 -6.78 4.15 11.38
N LEU A 355 -6.33 4.42 10.15
CA LEU A 355 -5.91 5.77 9.79
C LEU A 355 -7.09 6.73 9.81
N GLN A 356 -8.25 6.27 9.33
CA GLN A 356 -9.48 7.04 9.41
C GLN A 356 -9.76 7.47 10.85
N GLY A 357 -9.66 6.52 11.78
CA GLY A 357 -9.89 6.82 13.17
C GLY A 357 -8.84 7.74 13.75
N ILE A 358 -7.60 7.63 13.26
CA ILE A 358 -6.55 8.53 13.73
C ILE A 358 -6.87 9.97 13.34
N TRP A 359 -7.29 10.21 12.09
CA TRP A 359 -7.71 11.55 11.68
C TRP A 359 -8.92 12.02 12.47
N ALA A 360 -9.85 11.11 12.81
CA ALA A 360 -11.00 11.52 13.62
C ALA A 360 -10.54 12.01 14.99
N THR A 361 -9.60 11.30 15.60
CA THR A 361 -9.11 11.67 16.92
C THR A 361 -8.28 12.95 16.86
N ILE A 362 -7.48 13.12 15.80
CA ILE A 362 -6.74 14.37 15.61
C ILE A 362 -7.69 15.55 15.59
N GLY A 363 -8.72 15.52 14.75
CA GLY A 363 -9.68 16.60 14.71
C GLY A 363 -10.35 16.85 16.04
N ALA A 364 -10.68 15.76 16.76
CA ALA A 364 -11.35 15.90 18.06
C ALA A 364 -10.48 16.63 19.08
N GLN A 365 -9.17 16.36 19.07
CA GLN A 365 -8.29 16.97 20.05
C GLN A 365 -8.07 18.45 19.76
N ILE A 366 -8.01 18.84 18.49
CA ILE A 366 -7.92 20.26 18.18
C ILE A 366 -9.20 20.98 18.58
N GLU A 367 -10.36 20.33 18.42
CA GLU A 367 -11.59 20.95 18.91
C GLU A 367 -11.52 21.15 20.42
N ASN A 368 -10.97 20.17 21.14
CA ASN A 368 -10.73 20.31 22.57
CA ASN A 368 -10.78 20.34 22.57
C ASN A 368 -9.80 21.47 22.87
N LEU A 369 -8.74 21.59 22.08
CA LEU A 369 -7.73 22.61 22.33
C LEU A 369 -8.31 24.01 22.26
N ARG A 370 -9.18 24.25 21.28
CA ARG A 370 -9.71 25.60 21.07
C ARG A 370 -10.96 25.88 21.88
N THR A 371 -11.47 24.90 22.62
CA THR A 371 -12.62 25.16 23.50
C THR A 371 -12.17 24.98 24.94
N THR A 372 -12.20 23.73 25.42
CA THR A 372 -11.94 23.44 26.83
C THR A 372 -10.55 23.90 27.25
N SER A 373 -9.52 23.54 26.49
CA SER A 373 -8.14 23.84 26.90
C SER A 373 -7.86 25.33 26.84
N LEU A 374 -8.38 26.00 25.81
CA LEU A 374 -8.21 27.45 25.71
C LEU A 374 -8.91 28.16 26.86
N GLN A 375 -10.05 27.62 27.31
CA GLN A 375 -10.76 28.24 28.43
C GLN A 375 -9.97 28.09 29.73
N GLU A 376 -9.34 26.94 29.97
CA GLU A 376 -8.54 26.84 31.18
C GLU A 376 -7.26 27.67 31.08
N VAL A 377 -6.75 27.94 29.86
CA VAL A 377 -5.62 28.85 29.77
C VAL A 377 -6.05 30.25 30.22
N GLN A 378 -7.22 30.72 29.76
CA GLN A 378 -7.71 32.01 30.19
C GLN A 378 -7.95 32.03 31.70
N ASP A 379 -8.54 30.96 32.23
CA ASP A 379 -8.89 30.93 33.66
C ASP A 379 -7.65 30.84 34.53
N SER A 380 -6.62 30.11 34.09
CA SER A 380 -5.40 29.95 34.86
C SER A 380 -4.36 31.02 34.59
N ASP A 381 -4.50 31.75 33.48
CA ASP A 381 -3.49 32.70 33.00
C ASP A 381 -2.15 32.01 32.73
N ASP A 382 -2.16 30.71 32.42
CA ASP A 382 -0.94 29.92 32.33
C ASP A 382 -1.00 29.01 31.11
N ALA A 383 -0.08 29.20 30.16
CA ALA A 383 -0.11 28.45 28.92
C ALA A 383 1.14 27.63 28.69
N ASP A 384 2.07 27.59 29.65
CA ASP A 384 3.40 27.05 29.39
C ASP A 384 3.33 25.55 29.08
N GLU A 385 2.50 24.81 29.81
CA GLU A 385 2.42 23.37 29.59
C GLU A 385 1.89 23.07 28.20
N ILE A 386 0.80 23.74 27.80
CA ILE A 386 0.21 23.50 26.48
C ILE A 386 1.18 23.87 25.37
N GLN A 387 1.96 24.94 25.58
CA GLN A 387 2.94 25.32 24.56
C GLN A 387 3.98 24.23 24.36
N ILE A 388 4.42 23.58 25.44
CA ILE A 388 5.38 22.50 25.29
C ILE A 388 4.74 21.27 24.64
N GLU A 389 3.47 21.00 24.96
CA GLU A 389 2.77 19.93 24.26
C GLU A 389 2.73 20.17 22.76
N LEU A 390 2.48 21.41 22.35
CA LEU A 390 2.45 21.72 20.91
C LEU A 390 3.84 21.61 20.29
N GLU A 391 4.88 22.03 21.02
CA GLU A 391 6.24 21.82 20.55
C GLU A 391 6.51 20.34 20.32
N ASP A 392 6.19 19.50 21.30
CA ASP A 392 6.46 18.08 21.19
C ASP A 392 5.59 17.44 20.11
N ALA A 393 4.36 17.91 19.95
CA ALA A 393 3.54 17.37 18.85
C ALA A 393 4.14 17.72 17.49
N SER A 394 4.67 18.94 17.32
CA SER A 394 5.32 19.30 16.06
C SER A 394 6.45 18.34 15.71
N ASP A 395 7.32 18.06 16.69
CA ASP A 395 8.40 17.13 16.42
C ASP A 395 7.86 15.76 16.05
N ALA A 396 6.81 15.31 16.74
CA ALA A 396 6.23 14.02 16.40
C ALA A 396 5.62 14.03 15.01
N TRP A 397 5.06 15.16 14.59
CA TRP A 397 4.49 15.24 13.24
C TRP A 397 5.58 15.21 12.18
N LEU A 398 6.75 15.79 12.48
CA LEU A 398 7.84 15.77 11.50
C LEU A 398 8.28 14.35 11.21
N VAL A 399 8.25 13.48 12.21
CA VAL A 399 8.66 12.09 12.00
C VAL A 399 7.74 11.43 10.97
N VAL A 400 6.42 11.51 11.17
CA VAL A 400 5.51 10.83 10.25
C VAL A 400 5.46 11.56 8.91
N ALA A 401 5.63 12.89 8.91
CA ALA A 401 5.57 13.63 7.65
C ALA A 401 6.74 13.24 6.75
N GLN A 402 7.92 13.03 7.34
CA GLN A 402 9.06 12.63 6.50
C GLN A 402 8.90 11.21 5.98
N GLU A 403 8.35 10.30 6.80
CA GLU A 403 8.08 8.94 6.34
C GLU A 403 7.02 8.91 5.24
N ALA A 404 5.98 9.75 5.37
CA ALA A 404 4.96 9.84 4.33
C ALA A 404 5.54 10.44 3.06
N ARG A 405 6.34 11.50 3.20
CA ARG A 405 7.02 12.02 2.01
C ARG A 405 7.91 10.97 1.38
N ASP A 406 8.64 10.20 2.18
CA ASP A 406 9.52 9.19 1.59
C ASP A 406 8.71 8.12 0.86
N PHE A 407 7.53 7.77 1.35
CA PHE A 407 6.67 6.85 0.62
C PHE A 407 6.33 7.40 -0.77
N THR A 408 5.82 8.63 -0.83
CA THR A 408 5.36 9.18 -2.11
C THR A 408 6.52 9.35 -3.08
N LEU A 409 7.64 9.86 -2.60
CA LEU A 409 8.78 10.10 -3.48
C LEU A 409 9.30 8.80 -4.07
N ASN A 410 9.13 7.69 -3.37
CA ASN A 410 9.67 6.42 -3.87
C ASN A 410 8.63 5.54 -4.54
N ALA A 411 7.36 5.94 -4.49
CA ALA A 411 6.31 5.05 -4.98
C ALA A 411 6.33 4.97 -6.50
N TYR A 412 5.88 3.83 -7.01
CA TYR A 412 5.73 3.68 -8.45
C TYR A 412 4.76 4.73 -8.97
N SER A 413 5.09 5.30 -10.13
CA SER A 413 4.28 6.33 -10.76
C SER A 413 2.77 6.07 -10.74
#